data_8CQ1
#
_entry.id   8CQ1
#
_entity_poly.entity_id   1
_entity_poly.type   'polyribonucleotide'
_entity_poly.pdbx_seq_one_letter_code
;GGGUGUGGCUGUCACUCGGCUGCAUGCUUAGUGCACUCACGCCC
;
_entity_poly.pdbx_strand_id   A
#
loop_
_chem_comp.id
_chem_comp.type
_chem_comp.name
_chem_comp.formula
A RNA linking ADENOSINE-5'-MONOPHOSPHATE 'C10 H14 N5 O7 P'
C RNA linking CYTIDINE-5'-MONOPHOSPHATE 'C9 H14 N3 O8 P'
G RNA linking GUANOSINE-5'-MONOPHOSPHATE 'C10 H14 N5 O8 P'
U RNA linking URIDINE-5'-MONOPHOSPHATE 'C9 H13 N2 O9 P'
#